data_5NCP
#
_entry.id   5NCP
#
_cell.length_a   44.141
_cell.length_b   141.367
_cell.length_c   34.706
_cell.angle_alpha   90.00
_cell.angle_beta   90.00
_cell.angle_gamma   90.00
#
_symmetry.space_group_name_H-M   'C 2 2 2'
#
loop_
_entity.id
_entity.type
_entity.pdbx_description
1 polymer 'Protein enabled homolog'
2 non-polymer "(3~{S},7~{R},10~{R},13~{R})-4-[(3~{S},6~{R},8~{a}~{S})-1'-[(2~{S})-2-acetamido-3-(2-chlorophenyl)propanoyl]-5-oxidanylidene-spiro[1,2,3,8~{a}-tetrahydroindolizine-6,2'-pyrrolidine]-3-yl]carbonyl-2-oxidanylidene-1,4-diazatricyclo[8.3.0.0^{3,7}]tridec-8-ene-13-carboxylic acid"
3 non-polymer 'NITRATE ION'
4 non-polymer 'SULFATE ION'
5 water water
#
_entity_poly.entity_id   1
_entity_poly.type   'polypeptide(L)'
_entity_poly.pdbx_seq_one_letter_code
;GSMSEQSICQARAAVMVYDDANKKWVPAGGSTGFSRVHIYHHTGNNTFRVVGRKIQDHQVVINCAIPKGLKYNQATQTFH
QWRDARQVYGLNFGSKEDANVFASAMMHALEVL
;
_entity_poly.pdbx_strand_id   A
#
loop_
_chem_comp.id
_chem_comp.type
_chem_comp.name
_chem_comp.formula
EG5 non-polymer '(3~{S},7~{R},10~{R},13~{R})-4-[(3~{S},6~{R},8~{a}~{S})-1'-[(2~{S})-2-acetamido-3-(2-chlorophenyl)propanoyl]-5-oxidanylidene-spiro[1,2,3,8~{a}-tetrahydroindolizine-6,2'-pyrrolidine]-3-yl]carbonyl-2-oxidanylidene-1,4-diazatricyclo[8.3.0.0^{3,7}]tridec-8-ene-13-carboxylic acid' 'C35 H40 Cl N5 O7'
NO3 non-polymer 'NITRATE ION' 'N O3 -1'
SO4 non-polymer 'SULFATE ION' 'O4 S -2'
#
# COMPACT_ATOMS: atom_id res chain seq x y z
N GLU A 5 11.47 -1.10 -13.78
CA GLU A 5 10.28 -1.36 -12.97
C GLU A 5 9.01 -0.78 -13.62
N GLN A 6 7.94 -1.57 -13.62
CA GLN A 6 6.70 -1.26 -14.33
C GLN A 6 5.56 -1.14 -13.33
N SER A 7 4.78 -0.07 -13.45
CA SER A 7 3.64 0.12 -12.56
C SER A 7 2.52 -0.78 -13.06
N ILE A 8 1.97 -1.62 -12.19
CA ILE A 8 0.84 -2.46 -12.58
C ILE A 8 -0.46 -1.97 -12.01
N CYS A 9 -0.43 -0.88 -11.23
CA CYS A 9 -1.66 -0.23 -10.82
C CYS A 9 -1.33 1.11 -10.20
N GLN A 10 -2.35 1.98 -10.18
CA GLN A 10 -2.31 3.26 -9.48
C GLN A 10 -3.62 3.44 -8.74
N ALA A 11 -3.54 3.71 -7.45
CA ALA A 11 -4.73 3.89 -6.63
C ALA A 11 -4.57 5.03 -5.62
N ARG A 12 -5.66 5.75 -5.36
CA ARG A 12 -5.66 6.87 -4.43
C ARG A 12 -5.98 6.36 -3.02
N ALA A 13 -5.10 6.68 -2.08
CA ALA A 13 -5.30 6.25 -0.70
C ALA A 13 -4.51 7.11 0.25
N ALA A 14 -5.05 7.25 1.46
CA ALA A 14 -4.27 7.80 2.54
C ALA A 14 -3.49 6.66 3.18
N VAL A 15 -2.17 6.76 3.17
CA VAL A 15 -1.31 5.68 3.62
C VAL A 15 -1.07 5.86 5.12
N MET A 16 -1.38 4.82 5.88
N MET A 16 -1.34 4.80 5.89
CA MET A 16 -1.28 4.84 7.34
CA MET A 16 -1.25 4.86 7.34
C MET A 16 -0.27 3.79 7.78
C MET A 16 -0.35 3.73 7.86
N VAL A 17 0.34 4.00 8.96
N VAL A 17 0.35 4.03 8.95
CA VAL A 17 1.14 2.98 9.62
CA VAL A 17 1.19 3.06 9.66
C VAL A 17 0.69 2.91 11.07
C VAL A 17 0.63 2.92 11.07
N TYR A 18 0.70 1.71 11.64
CA TYR A 18 0.13 1.52 12.95
C TYR A 18 1.20 1.80 14.00
N ASP A 19 0.86 2.71 14.90
CA ASP A 19 1.70 3.04 16.05
C ASP A 19 1.40 2.04 17.14
N ASP A 20 2.21 0.98 17.23
CA ASP A 20 1.96 -0.09 18.19
C ASP A 20 1.93 0.43 19.63
N ALA A 21 2.81 1.36 19.96
CA ALA A 21 2.90 1.84 21.34
C ALA A 21 1.62 2.55 21.76
N ASN A 22 1.10 3.43 20.92
CA ASN A 22 -0.10 4.19 21.24
C ASN A 22 -1.37 3.56 20.70
N LYS A 23 -1.27 2.44 19.96
CA LYS A 23 -2.45 1.71 19.48
C LYS A 23 -3.34 2.61 18.61
N LYS A 24 -2.73 3.27 17.62
CA LYS A 24 -3.38 4.30 16.80
C LYS A 24 -2.73 4.27 15.43
N TRP A 25 -3.53 4.52 14.39
CA TRP A 25 -3.01 4.71 13.05
C TRP A 25 -2.42 6.12 12.95
N VAL A 26 -1.28 6.24 12.29
CA VAL A 26 -0.65 7.53 12.08
C VAL A 26 -0.31 7.69 10.61
N PRO A 27 -0.29 8.91 10.09
CA PRO A 27 -0.04 9.07 8.65
C PRO A 27 1.38 8.66 8.28
N ALA A 28 1.49 7.89 7.21
CA ALA A 28 2.81 7.47 6.76
C ALA A 28 3.56 8.71 6.29
N GLY A 29 4.85 8.77 6.65
CA GLY A 29 5.62 9.96 6.34
C GLY A 29 5.31 11.17 7.18
N GLY A 30 4.34 11.09 8.09
CA GLY A 30 4.11 12.13 9.07
C GLY A 30 3.09 13.18 8.68
N SER A 31 2.56 13.14 7.46
CA SER A 31 1.66 14.20 6.99
C SER A 31 0.38 13.59 6.43
N THR A 32 -0.72 13.99 7.01
CA THR A 32 -2.03 13.50 6.63
C THR A 32 -2.38 13.95 5.22
N GLY A 33 -2.90 13.03 4.43
CA GLY A 33 -3.35 13.38 3.09
C GLY A 33 -3.27 12.17 2.19
N PHE A 34 -3.79 12.36 0.98
CA PHE A 34 -3.89 11.25 0.05
C PHE A 34 -2.64 11.18 -0.83
N SER A 35 -2.31 9.95 -1.21
CA SER A 35 -1.19 9.65 -2.09
C SER A 35 -1.66 8.85 -3.29
N ARG A 36 -0.82 8.84 -4.32
CA ARG A 36 -0.99 7.92 -5.43
C ARG A 36 -0.13 6.71 -5.11
N VAL A 37 -0.74 5.56 -4.97
CA VAL A 37 -0.06 4.37 -4.49
C VAL A 37 0.03 3.40 -5.66
N HIS A 38 1.24 3.02 -6.01
CA HIS A 38 1.52 2.07 -7.07
C HIS A 38 1.90 0.71 -6.51
N ILE A 39 1.67 -0.32 -7.30
CA ILE A 39 2.46 -1.53 -7.19
C ILE A 39 3.36 -1.56 -8.40
N TYR A 40 4.66 -1.69 -8.16
CA TYR A 40 5.68 -1.72 -9.19
C TYR A 40 6.23 -3.12 -9.31
N HIS A 41 6.38 -3.57 -10.54
CA HIS A 41 6.88 -4.89 -10.87
C HIS A 41 8.29 -4.76 -11.44
N HIS A 42 9.24 -5.38 -10.77
CA HIS A 42 10.59 -5.54 -11.27
C HIS A 42 10.68 -6.89 -11.95
N THR A 43 10.77 -6.89 -13.28
CA THR A 43 10.60 -8.15 -13.99
C THR A 43 11.84 -9.03 -13.85
N GLY A 44 13.00 -8.44 -13.61
CA GLY A 44 14.23 -9.21 -13.65
C GLY A 44 14.25 -10.36 -12.67
N ASN A 45 13.71 -10.15 -11.47
CA ASN A 45 13.58 -11.20 -10.47
C ASN A 45 12.13 -11.35 -10.00
N ASN A 46 11.19 -10.85 -10.79
CA ASN A 46 9.77 -10.96 -10.51
C ASN A 46 9.46 -10.58 -9.06
N THR A 47 9.87 -9.37 -8.68
CA THR A 47 9.56 -8.83 -7.36
C THR A 47 8.60 -7.67 -7.54
N PHE A 48 7.83 -7.40 -6.47
CA PHE A 48 6.84 -6.33 -6.44
C PHE A 48 7.06 -5.50 -5.19
N ARG A 49 6.79 -4.20 -5.29
CA ARG A 49 6.84 -3.30 -4.15
C ARG A 49 5.66 -2.35 -4.21
N VAL A 50 5.17 -1.96 -3.04
CA VAL A 50 4.19 -0.88 -2.89
C VAL A 50 4.94 0.44 -2.70
N VAL A 51 4.68 1.40 -3.59
CA VAL A 51 5.36 2.71 -3.56
C VAL A 51 4.30 3.79 -3.70
N GLY A 52 4.21 4.65 -2.70
CA GLY A 52 3.20 5.68 -2.68
C GLY A 52 3.77 7.06 -2.45
N ARG A 53 3.22 8.04 -3.17
CA ARG A 53 3.70 9.41 -3.14
C ARG A 53 2.55 10.38 -2.90
N LYS A 54 2.75 11.32 -1.96
N LYS A 54 2.76 11.31 -1.95
CA LYS A 54 1.73 12.30 -1.66
CA LYS A 54 1.76 12.32 -1.67
C LYS A 54 1.43 13.12 -2.90
C LYS A 54 1.43 13.09 -2.93
N ILE A 55 0.14 13.34 -3.15
CA ILE A 55 -0.30 14.09 -4.31
C ILE A 55 0.25 15.51 -4.25
N GLN A 56 0.24 16.10 -3.05
CA GLN A 56 0.62 17.51 -2.92
C GLN A 56 2.09 17.74 -3.24
N ASP A 57 2.99 17.07 -2.53
CA ASP A 57 4.41 17.40 -2.58
C ASP A 57 5.30 16.25 -3.04
N HIS A 58 4.72 15.14 -3.47
CA HIS A 58 5.48 14.04 -4.08
C HIS A 58 6.32 13.24 -3.09
N GLN A 59 6.17 13.49 -1.79
CA GLN A 59 6.95 12.74 -0.79
C GLN A 59 6.67 11.26 -0.91
N VAL A 60 7.71 10.43 -0.91
CA VAL A 60 7.48 8.99 -0.83
C VAL A 60 7.10 8.66 0.61
N VAL A 61 5.88 8.15 0.81
CA VAL A 61 5.43 7.84 2.16
C VAL A 61 5.44 6.33 2.43
N ILE A 62 5.57 5.51 1.40
CA ILE A 62 5.66 4.07 1.57
C ILE A 62 6.45 3.50 0.41
N ASN A 63 7.31 2.53 0.73
CA ASN A 63 8.16 1.83 -0.25
C ASN A 63 8.51 0.48 0.38
N CYS A 64 7.61 -0.48 0.23
N CYS A 64 7.63 -0.50 0.13
CA CYS A 64 7.75 -1.75 0.93
CA CYS A 64 7.58 -1.74 0.88
C CYS A 64 7.57 -2.93 0.00
C CYS A 64 7.56 -2.95 -0.07
N ALA A 65 8.35 -3.96 0.26
CA ALA A 65 8.31 -5.18 -0.52
C ALA A 65 7.00 -5.89 -0.31
N ILE A 66 6.63 -6.68 -1.32
CA ILE A 66 5.50 -7.58 -1.24
C ILE A 66 6.09 -8.99 -1.26
N PRO A 67 6.19 -9.65 -0.11
CA PRO A 67 6.76 -11.00 -0.10
C PRO A 67 5.74 -12.07 -0.46
N LYS A 68 6.24 -13.17 -1.03
CA LYS A 68 5.39 -14.32 -1.31
C LYS A 68 4.74 -14.76 0.00
N GLY A 69 3.44 -15.07 -0.06
CA GLY A 69 2.72 -15.54 1.12
C GLY A 69 2.12 -14.45 1.97
N LEU A 70 2.22 -13.18 1.57
CA LEU A 70 1.64 -12.12 2.35
C LEU A 70 0.13 -12.29 2.53
N LYS A 71 -0.35 -11.96 3.72
CA LYS A 71 -1.78 -11.96 4.03
C LYS A 71 -2.27 -10.53 3.92
N TYR A 72 -3.03 -10.29 2.88
CA TYR A 72 -3.55 -8.97 2.59
C TYR A 72 -5.00 -8.95 3.05
N ASN A 73 -5.30 -8.09 4.01
CA ASN A 73 -6.59 -8.13 4.69
C ASN A 73 -7.47 -7.00 4.18
N GLN A 74 -8.62 -7.35 3.62
CA GLN A 74 -9.57 -6.37 3.12
C GLN A 74 -10.58 -6.14 4.23
N ALA A 75 -10.16 -5.35 5.22
CA ALA A 75 -10.99 -5.14 6.41
C ALA A 75 -12.36 -4.61 6.04
N THR A 76 -12.39 -3.57 5.18
CA THR A 76 -13.62 -3.01 4.64
C THR A 76 -13.44 -2.84 3.14
N GLN A 77 -14.48 -2.36 2.47
CA GLN A 77 -14.37 -2.08 1.05
C GLN A 77 -13.46 -0.89 0.74
N THR A 78 -13.13 -0.06 1.72
CA THR A 78 -12.21 1.04 1.49
C THR A 78 -11.01 1.09 2.44
N PHE A 79 -10.79 0.07 3.26
CA PHE A 79 -9.63 0.08 4.17
C PHE A 79 -9.01 -1.30 4.15
N HIS A 80 -7.80 -1.39 3.56
CA HIS A 80 -7.06 -2.65 3.47
C HIS A 80 -5.73 -2.54 4.24
N GLN A 81 -5.22 -3.68 4.70
CA GLN A 81 -4.04 -3.62 5.57
C GLN A 81 -3.19 -4.84 5.35
N TRP A 82 -1.93 -4.74 5.74
CA TRP A 82 -1.06 -5.91 5.78
C TRP A 82 0.11 -5.61 6.73
N ARG A 83 0.85 -6.67 7.06
CA ARG A 83 1.92 -6.59 8.04
C ARG A 83 3.24 -7.04 7.42
N ASP A 84 4.34 -6.50 7.94
CA ASP A 84 5.65 -7.06 7.66
C ASP A 84 6.30 -7.36 9.01
N ALA A 85 7.55 -7.81 9.01
CA ALA A 85 8.22 -8.09 10.28
C ALA A 85 8.38 -6.86 11.17
N ARG A 86 8.18 -5.65 10.66
CA ARG A 86 8.41 -4.44 11.46
C ARG A 86 7.18 -3.58 11.66
N GLN A 87 6.36 -3.42 10.63
CA GLN A 87 5.26 -2.48 10.68
C GLN A 87 3.97 -3.12 10.17
N VAL A 88 2.87 -2.48 10.54
CA VAL A 88 1.55 -2.73 9.98
C VAL A 88 1.17 -1.52 9.12
N TYR A 89 0.77 -1.78 7.89
CA TYR A 89 0.42 -0.75 6.93
C TYR A 89 -1.08 -0.77 6.69
N GLY A 90 -1.67 0.41 6.46
CA GLY A 90 -3.05 0.46 6.09
C GLY A 90 -3.32 1.48 5.02
N LEU A 91 -4.16 1.15 4.06
CA LEU A 91 -4.51 2.03 2.98
C LEU A 91 -5.98 2.42 3.14
N ASN A 92 -6.25 3.71 3.28
CA ASN A 92 -7.61 4.20 3.42
C ASN A 92 -7.92 4.77 2.05
N PHE A 93 -8.61 4.00 1.23
CA PHE A 93 -8.76 4.37 -0.17
C PHE A 93 -9.75 5.53 -0.34
N GLY A 94 -9.54 6.35 -1.36
CA GLY A 94 -10.47 7.43 -1.66
C GLY A 94 -11.80 6.98 -2.23
N SER A 95 -11.88 5.74 -2.72
CA SER A 95 -13.11 5.22 -3.27
C SER A 95 -13.05 3.70 -3.29
N LYS A 96 -14.22 3.10 -3.42
CA LYS A 96 -14.26 1.64 -3.57
C LYS A 96 -13.57 1.20 -4.86
N GLU A 97 -13.72 1.98 -5.94
CA GLU A 97 -13.04 1.62 -7.17
C GLU A 97 -11.53 1.57 -6.97
N ASP A 98 -10.98 2.52 -6.21
CA ASP A 98 -9.53 2.54 -6.00
C ASP A 98 -9.10 1.32 -5.21
N ALA A 99 -9.89 0.97 -4.20
CA ALA A 99 -9.58 -0.21 -3.40
C ALA A 99 -9.60 -1.44 -4.27
N ASN A 100 -10.57 -1.50 -5.17
CA ASN A 100 -10.71 -2.67 -6.04
C ASN A 100 -9.52 -2.76 -7.00
N VAL A 101 -9.09 -1.62 -7.55
CA VAL A 101 -7.96 -1.62 -8.47
C VAL A 101 -6.73 -2.13 -7.76
N PHE A 102 -6.50 -1.61 -6.56
CA PHE A 102 -5.30 -1.98 -5.83
C PHE A 102 -5.36 -3.42 -5.37
N ALA A 103 -6.48 -3.81 -4.78
CA ALA A 103 -6.62 -5.19 -4.31
C ALA A 103 -6.45 -6.18 -5.47
N SER A 104 -6.96 -5.84 -6.65
N SER A 104 -6.99 -5.85 -6.65
CA SER A 104 -6.85 -6.78 -7.77
CA SER A 104 -6.83 -6.75 -7.79
C SER A 104 -5.40 -6.96 -8.20
C SER A 104 -5.36 -6.97 -8.12
N ALA A 105 -4.61 -5.88 -8.18
CA ALA A 105 -3.20 -5.98 -8.55
C ALA A 105 -2.38 -6.67 -7.47
N MET A 106 -2.72 -6.44 -6.19
CA MET A 106 -2.02 -7.10 -5.09
C MET A 106 -2.27 -8.59 -5.18
N MET A 107 -3.53 -8.96 -5.40
CA MET A 107 -3.85 -10.39 -5.48
C MET A 107 -3.18 -11.02 -6.68
N HIS A 108 -3.08 -10.29 -7.80
CA HIS A 108 -2.33 -10.80 -8.93
C HIS A 108 -0.87 -11.07 -8.53
N ALA A 109 -0.23 -10.07 -7.91
CA ALA A 109 1.16 -10.24 -7.51
C ALA A 109 1.35 -11.44 -6.58
N LEU A 110 0.46 -11.61 -5.62
CA LEU A 110 0.60 -12.75 -4.71
C LEU A 110 0.39 -14.08 -5.41
N GLU A 111 -0.35 -14.10 -6.51
CA GLU A 111 -0.57 -15.35 -7.23
C GLU A 111 0.66 -15.76 -8.04
N VAL A 112 1.39 -14.78 -8.60
CA VAL A 112 2.49 -15.09 -9.51
C VAL A 112 3.83 -15.09 -8.80
N LEU A 113 3.88 -14.74 -7.52
CA LEU A 113 5.11 -14.91 -6.75
C LEU A 113 5.34 -16.39 -6.48
C32 EG5 B . -3.63 -8.40 13.32
O5 EG5 B . -2.53 -7.87 13.16
C33 EG5 B . -3.77 -9.67 14.16
CL EG5 B . -2.81 -6.10 9.35
C15 EG5 B . -3.62 -7.64 9.17
C19 EG5 B . -2.99 -8.61 8.38
C18 EG5 B . -3.61 -9.85 8.23
C17 EG5 B . -4.81 -10.13 8.85
C16 EG5 B . -5.44 -9.17 9.63
C14 EG5 B . -4.84 -7.92 9.80
C13 EG5 B . -5.52 -6.97 10.59
C12 EG5 B . -4.84 -6.75 11.96
N4 EG5 B . -4.79 -7.97 12.78
C11 EG5 B . -5.67 -5.73 12.77
O4 EG5 B . -6.88 -5.86 12.90
N5 EG5 B . -5.02 -4.67 13.24
C30 EG5 B . -3.61 -4.20 13.16
C29 EG5 B . -3.80 -2.71 13.24
C34 EG5 B . -4.68 -2.70 14.42
C35 EG5 B . -5.79 -3.61 14.01
C31 EG5 B . -6.79 -3.03 13.21
O3 EG5 B . -6.71 -2.87 11.98
N3 EG5 B . -7.94 -2.62 13.74
C26 EG5 B . -6.30 -4.19 15.20
C28 EG5 B . -7.50 -3.81 15.77
C27 EG5 B . -8.23 -2.78 15.19
C24 EG5 B . -9.72 -3.02 15.13
C9 EG5 B . -10.04 -1.83 14.28
C10 EG5 B . -9.15 -2.07 13.07
C20 EG5 B . -9.01 -0.82 12.43
O6 EG5 B . -8.13 -0.06 12.80
N2 EG5 B . -9.93 -0.47 11.52
C22 EG5 B . -11.06 -1.22 10.89
C23 EG5 B . -11.14 -0.53 9.56
C8 EG5 B . -11.17 0.87 10.05
C21 EG5 B . -9.90 0.84 10.86
C25 EG5 B . -10.11 1.89 11.74
O7 EG5 B . -10.61 1.70 12.86
C7 EG5 B . -11.11 1.94 9.07
C6 EG5 B . -10.34 3.11 9.10
C5 EG5 B . -9.39 3.49 10.07
C4 EG5 B . -9.12 5.00 10.25
C3 EG5 B . -10.37 5.38 10.98
C2 EG5 B . -10.30 4.39 12.15
N1 EG5 B . -9.94 3.13 11.41
C1 EG5 B . -9.39 4.76 13.12
O2 EG5 B . -9.80 5.59 13.97
O1 EG5 B . -8.28 4.19 13.13
H10 EG5 B . -4.77 -9.69 14.62
H11 EG5 B . -3.01 -9.66 14.95
H9 EG5 B . -3.64 -10.55 13.54
H1 EG5 B . -2.03 -8.40 7.91
H2 EG5 B . -3.12 -10.62 7.62
H3 EG5 B . -5.28 -11.10 8.72
H4 EG5 B . -6.39 -9.39 10.11
H5 EG5 B . -6.54 -7.32 10.74
H6 EG5 B . -5.54 -6.02 10.06
H7 EG5 B . -3.83 -6.36 11.82
H8 EG5 B . -5.64 -8.46 12.97
H12 EG5 B . -3.12 -4.52 12.24
H13 EG5 B . -3.07 -4.57 14.04
H15 EG5 B . -4.42 -2.28 12.50
H14 EG5 B . -2.96 -2.12 13.50
H17 EG5 B . -4.09 -3.19 15.20
H16 EG5 B . -5.01 -1.72 14.76
H18 EG5 B . -5.74 -5.01 15.64
H19 EG5 B . -7.87 -4.31 16.66
H20 EG5 B . -8.00 -1.85 15.71
H21 EG5 B . -10.19 -3.01 16.11
H22 EG5 B . -9.96 -3.95 14.59
H23 EG5 B . -9.69 -0.96 14.83
H24 EG5 B . -11.09 -1.71 14.03
H25 EG5 B . -9.58 -2.85 12.43
H27 EG5 B . -10.88 -2.29 10.80
H26 EG5 B . -11.98 -1.04 11.46
H28 EG5 B . -12.03 -0.81 8.98
H29 EG5 B . -10.23 -0.71 8.98
H30 EG5 B . -12.03 0.99 10.70
H31 EG5 B . -9.02 0.93 10.21
H32 EG5 B . -11.74 1.82 8.20
H33 EG5 B . -10.44 3.77 8.24
H34 EG5 B . -8.47 2.97 9.83
H35 EG5 B . -8.95 5.52 9.30
H42 EG5 B . -8.28 5.15 10.93
H38 EG5 B . -10.43 6.42 11.31
H36 EG5 B . -11.22 5.13 10.34
H37 EG5 B . -11.27 4.31 12.64
N NO3 C . -4.36 7.56 -8.29
O1 NO3 C . -3.91 8.32 -7.37
O2 NO3 C . -5.47 6.98 -8.14
O3 NO3 C . -3.71 7.37 -9.37
N NO3 D . 12.89 -4.49 1.73
O1 NO3 D . 12.79 -5.44 2.54
O2 NO3 D . 12.39 -3.36 2.01
O3 NO3 D . 13.48 -4.66 0.63
S SO4 E . 3.12 10.23 -9.26
O1 SO4 E . 3.08 8.93 -9.93
O2 SO4 E . 2.39 10.20 -8.00
O3 SO4 E . 4.52 10.60 -9.03
O4 SO4 E . 2.50 11.22 -10.13
#